data_6J3E
#
_entry.id   6J3E
#
_cell.length_a   75.236
_cell.length_b   105.207
_cell.length_c   91.703
_cell.angle_alpha   90.00
_cell.angle_beta   90.00
_cell.angle_gamma   90.00
#
_symmetry.space_group_name_H-M   'P 21 21 21'
#
loop_
_entity.id
_entity.type
_entity.pdbx_description
1 polymer 'glutathione S-transferase'
2 non-polymer 1,2-ETHANEDIOL
3 water water
#
_entity_poly.entity_id   1
_entity_poly.type   'polypeptide(L)'
_entity_poly.pdbx_seq_one_letter_code
;MSNVIQFYDIPGNATPDKAWSPNTWKTRYTLNFKGIPYKTIWVEYPDIASVCKEIGAEPTSIRPDGPYYTLPVIHDPSTG
KTISDSAAIARYLDKTYPDTPVVIPPETDALHAAFNFAFSEAIVRALAPIMLPATNAQLNPRSEEFFRRTREESAGGVKL
EDWAPPGSEKRAKAWEKIRAGFGQIAKWLSADGNDKLLFLGDKVSYADITIVGWVIWVKRVLGPDSAEWKDFETWDDGKW
AKQLALFEKYEVVPDA
;
_entity_poly.pdbx_strand_id   A,B
#
loop_
_chem_comp.id
_chem_comp.type
_chem_comp.name
_chem_comp.formula
EDO non-polymer 1,2-ETHANEDIOL 'C2 H6 O2'
#
# COMPACT_ATOMS: atom_id res chain seq x y z
N ASN A 3 21.21 19.58 -25.65
CA ASN A 3 21.13 20.31 -24.38
C ASN A 3 19.90 19.95 -23.55
N VAL A 4 19.04 19.07 -24.08
CA VAL A 4 17.79 18.75 -23.40
C VAL A 4 18.00 17.64 -22.38
N ILE A 5 16.94 17.32 -21.61
CA ILE A 5 16.99 16.21 -20.68
C ILE A 5 17.47 14.94 -21.38
N GLN A 6 18.40 14.26 -20.75
CA GLN A 6 18.83 12.95 -21.22
C GLN A 6 18.09 11.89 -20.42
N PHE A 7 17.50 10.93 -21.12
CA PHE A 7 16.60 9.94 -20.54
C PHE A 7 17.11 8.56 -20.94
N TYR A 8 17.55 7.79 -19.96
CA TYR A 8 18.18 6.49 -20.22
C TYR A 8 17.15 5.38 -20.09
N ASP A 9 17.11 4.52 -21.08
CA ASP A 9 16.06 3.53 -21.26
C ASP A 9 16.70 2.27 -21.82
N ILE A 10 16.00 1.15 -21.69
CA ILE A 10 16.46 -0.17 -22.10
C ILE A 10 15.75 -0.52 -23.40
N PRO A 11 16.47 -0.76 -24.50
CA PRO A 11 15.80 -1.10 -25.75
C PRO A 11 15.25 -2.52 -25.73
N GLY A 12 14.17 -2.72 -26.49
CA GLY A 12 13.59 -4.04 -26.63
C GLY A 12 12.96 -4.17 -28.00
N ASN A 13 12.54 -5.38 -28.33
CA ASN A 13 12.06 -5.66 -29.68
C ASN A 13 10.55 -5.84 -29.77
N ALA A 14 9.82 -5.71 -28.66
CA ALA A 14 8.38 -5.91 -28.71
C ALA A 14 7.72 -4.91 -29.64
N THR A 15 8.25 -3.69 -29.69
CA THR A 15 7.65 -2.65 -30.51
C THR A 15 8.73 -1.95 -31.31
N PRO A 16 8.39 -1.46 -32.50
CA PRO A 16 9.30 -0.55 -33.22
C PRO A 16 9.81 0.59 -32.37
N ASP A 17 9.06 1.04 -31.36
CA ASP A 17 9.54 2.08 -30.45
C ASP A 17 10.82 1.67 -29.77
N LYS A 18 11.03 0.37 -29.61
CA LYS A 18 12.00 -0.30 -28.76
C LYS A 18 11.83 0.03 -27.28
N ALA A 19 10.73 0.69 -26.92
CA ALA A 19 10.45 1.05 -25.53
C ALA A 19 9.44 0.06 -24.94
N TRP A 20 9.86 -0.67 -23.92
CA TRP A 20 9.02 -1.73 -23.33
C TRP A 20 8.96 -1.72 -21.81
N SER A 21 9.92 -1.13 -21.12
CA SER A 21 10.10 -1.36 -19.69
C SER A 21 8.94 -0.78 -18.88
N PRO A 22 8.50 -1.47 -17.83
CA PRO A 22 7.49 -0.85 -16.97
C PRO A 22 8.06 0.30 -16.17
N ASN A 23 9.27 0.15 -15.63
CA ASN A 23 9.86 1.20 -14.82
C ASN A 23 10.16 2.44 -15.65
N THR A 24 10.69 2.26 -16.86
CA THR A 24 11.03 3.45 -17.63
C THR A 24 9.79 4.10 -18.26
N TRP A 25 8.76 3.33 -18.55
CA TRP A 25 7.58 3.96 -19.12
C TRP A 25 6.91 4.88 -18.10
N LYS A 26 6.99 4.53 -16.81
CA LYS A 26 6.52 5.45 -15.80
C LYS A 26 7.17 6.82 -16.01
N THR A 27 8.47 6.84 -16.24
CA THR A 27 9.19 8.10 -16.42
C THR A 27 8.95 8.69 -17.82
N ARG A 28 8.85 7.84 -18.84
CA ARG A 28 8.50 8.33 -20.17
C ARG A 28 7.11 8.98 -20.14
N TYR A 29 6.11 8.26 -19.61
CA TYR A 29 4.79 8.85 -19.44
C TYR A 29 4.88 10.20 -18.74
N THR A 30 5.66 10.27 -17.66
CA THR A 30 5.72 11.50 -16.88
C THR A 30 6.33 12.65 -17.69
N LEU A 31 7.41 12.39 -18.45
CA LEU A 31 8.00 13.44 -19.28
C LEU A 31 7.08 13.86 -20.42
N ASN A 32 6.30 12.92 -20.97
CA ASN A 32 5.34 13.24 -22.03
C ASN A 32 4.17 14.05 -21.46
N PHE A 33 3.66 13.69 -20.30
CA PHE A 33 2.51 14.39 -19.73
C PHE A 33 2.89 15.75 -19.20
N LYS A 34 4.10 15.87 -18.62
CA LYS A 34 4.56 17.19 -18.20
C LYS A 34 4.98 18.07 -19.37
N GLY A 35 5.26 17.45 -20.51
CA GLY A 35 5.62 18.21 -21.70
C GLY A 35 7.05 18.65 -21.76
N ILE A 36 7.96 17.95 -21.06
CA ILE A 36 9.38 18.32 -21.02
C ILE A 36 10.11 17.63 -22.17
N PRO A 37 10.88 18.34 -22.97
CA PRO A 37 11.65 17.70 -24.03
C PRO A 37 12.79 16.89 -23.45
N TYR A 38 13.08 15.77 -24.12
CA TYR A 38 14.20 14.94 -23.67
C TYR A 38 14.73 14.16 -24.85
N LYS A 39 15.93 13.64 -24.67
CA LYS A 39 16.56 12.75 -25.61
C LYS A 39 16.70 11.38 -24.95
N THR A 40 16.40 10.32 -25.70
CA THR A 40 16.51 8.97 -25.15
C THR A 40 17.88 8.38 -25.47
N ILE A 41 18.51 7.78 -24.45
CA ILE A 41 19.78 7.08 -24.58
C ILE A 41 19.54 5.61 -24.23
N TRP A 42 19.75 4.72 -25.20
CA TRP A 42 19.41 3.31 -25.08
C TRP A 42 20.57 2.54 -24.47
N VAL A 43 20.30 1.84 -23.35
CA VAL A 43 21.34 1.17 -22.58
C VAL A 43 20.95 -0.28 -22.38
N GLU A 44 21.86 -1.19 -22.72
CA GLU A 44 21.62 -2.60 -22.51
C GLU A 44 21.72 -2.93 -21.03
N TYR A 45 20.95 -3.93 -20.62
CA TYR A 45 20.94 -4.39 -19.23
C TYR A 45 22.32 -4.52 -18.61
N PRO A 46 23.30 -5.19 -19.23
CA PRO A 46 24.58 -5.40 -18.55
C PRO A 46 25.44 -4.14 -18.45
N ASP A 47 25.13 -3.08 -19.20
CA ASP A 47 25.86 -1.83 -19.13
C ASP A 47 25.24 -0.84 -18.15
N ILE A 48 24.12 -1.20 -17.52
CA ILE A 48 23.37 -0.22 -16.75
C ILE A 48 24.23 0.32 -15.61
N ALA A 49 24.83 -0.59 -14.84
CA ALA A 49 25.72 -0.19 -13.77
C ALA A 49 26.82 0.73 -14.29
N SER A 50 27.47 0.30 -15.37
CA SER A 50 28.60 1.04 -15.93
C SER A 50 28.18 2.45 -16.35
N VAL A 51 27.01 2.59 -16.97
CA VAL A 51 26.59 3.92 -17.38
C VAL A 51 26.22 4.76 -16.17
N CYS A 52 25.62 4.15 -15.15
CA CYS A 52 25.23 4.94 -13.98
C CYS A 52 26.44 5.55 -13.30
N LYS A 53 27.54 4.80 -13.23
CA LYS A 53 28.72 5.34 -12.60
C LYS A 53 29.27 6.52 -13.40
N GLU A 54 29.25 6.41 -14.73
CA GLU A 54 29.76 7.50 -15.56
C GLU A 54 29.01 8.79 -15.31
N ILE A 55 27.69 8.72 -15.17
CA ILE A 55 26.85 9.91 -15.04
C ILE A 55 26.54 10.23 -13.59
N GLY A 56 27.01 9.44 -12.65
CA GLY A 56 26.81 9.76 -11.26
C GLY A 56 25.41 9.53 -10.75
N ALA A 57 24.73 8.51 -11.25
CA ALA A 57 23.38 8.20 -10.80
C ALA A 57 23.40 7.48 -9.47
N GLU A 58 22.37 7.72 -8.66
CA GLU A 58 22.20 6.97 -7.42
C GLU A 58 21.72 5.55 -7.75
N PRO A 59 22.23 4.55 -7.07
CA PRO A 59 21.60 3.22 -7.09
C PRO A 59 20.22 3.28 -6.44
N THR A 60 19.33 2.36 -6.83
CA THR A 60 17.99 2.35 -6.25
C THR A 60 17.84 1.41 -5.07
N SER A 61 18.86 0.61 -4.77
CA SER A 61 18.91 -0.17 -3.54
C SER A 61 20.34 -0.57 -3.26
N ILE A 62 20.59 -0.96 -2.01
CA ILE A 62 21.90 -1.42 -1.58
C ILE A 62 21.71 -2.74 -0.84
N ARG A 63 22.33 -3.80 -1.33
CA ARG A 63 22.29 -5.10 -0.69
C ARG A 63 23.73 -5.48 -0.35
N PRO A 64 23.98 -6.55 0.42
CA PRO A 64 25.39 -6.87 0.78
C PRO A 64 26.28 -7.09 -0.46
N ASP A 65 25.64 -7.25 -1.62
CA ASP A 65 26.33 -7.37 -2.90
C ASP A 65 26.94 -6.05 -3.39
N GLY A 66 26.56 -4.92 -2.80
CA GLY A 66 26.96 -3.61 -3.30
C GLY A 66 25.77 -2.83 -3.83
N PRO A 67 26.01 -1.63 -4.35
CA PRO A 67 24.90 -0.85 -4.90
C PRO A 67 24.33 -1.48 -6.17
N TYR A 68 23.00 -1.42 -6.28
CA TYR A 68 22.26 -1.99 -7.41
C TYR A 68 21.71 -0.86 -8.25
N TYR A 69 22.11 -0.80 -9.52
CA TYR A 69 21.70 0.27 -10.41
C TYR A 69 20.62 -0.20 -11.37
N THR A 70 19.60 0.64 -11.56
CA THR A 70 18.47 0.37 -12.43
C THR A 70 18.15 1.61 -13.25
N LEU A 71 17.43 1.39 -14.34
CA LEU A 71 16.80 2.47 -15.09
C LEU A 71 15.31 2.46 -14.72
N PRO A 72 14.61 3.58 -14.96
CA PRO A 72 15.00 4.84 -15.60
C PRO A 72 16.00 5.69 -14.82
N VAL A 73 16.81 6.44 -15.54
CA VAL A 73 17.58 7.54 -14.97
C VAL A 73 17.49 8.73 -15.92
N ILE A 74 17.44 9.94 -15.37
CA ILE A 74 17.53 11.12 -16.20
C ILE A 74 18.71 11.98 -15.75
N HIS A 75 19.36 12.64 -16.72
CA HIS A 75 20.31 13.69 -16.44
C HIS A 75 19.83 14.99 -17.06
N ASP A 76 19.74 16.04 -16.23
CA ASP A 76 19.20 17.33 -16.59
C ASP A 76 20.34 18.32 -16.70
N PRO A 77 20.89 18.55 -17.91
CA PRO A 77 22.03 19.47 -18.03
C PRO A 77 21.67 20.88 -17.58
N SER A 78 20.40 21.28 -17.73
CA SER A 78 19.94 22.55 -17.18
C SER A 78 20.28 22.70 -15.71
N THR A 79 20.42 21.59 -15.00
CA THR A 79 20.68 21.63 -13.57
C THR A 79 21.93 20.89 -13.14
N GLY A 80 22.47 20.03 -13.98
CA GLY A 80 23.58 19.17 -13.60
C GLY A 80 23.23 18.01 -12.69
N LYS A 81 21.96 17.84 -12.32
CA LYS A 81 21.56 16.76 -11.43
C LYS A 81 21.22 15.51 -12.23
N THR A 82 21.44 14.36 -11.60
CA THR A 82 21.05 13.07 -12.13
C THR A 82 20.13 12.41 -11.12
N ILE A 83 18.95 11.98 -11.57
CA ILE A 83 17.95 11.37 -10.69
C ILE A 83 17.63 9.98 -11.19
N SER A 84 17.52 9.03 -10.26
CA SER A 84 17.15 7.67 -10.56
C SER A 84 15.93 7.28 -9.73
N ASP A 85 15.26 6.21 -10.17
CA ASP A 85 14.00 5.71 -9.61
C ASP A 85 12.86 6.62 -10.08
N SER A 86 11.88 6.02 -10.77
CA SER A 86 10.84 6.82 -11.42
C SER A 86 10.04 7.67 -10.44
N ALA A 87 9.84 7.19 -9.21
CA ALA A 87 9.13 8.01 -8.23
C ALA A 87 9.94 9.25 -7.87
N ALA A 88 11.26 9.12 -7.78
CA ALA A 88 12.11 10.27 -7.50
C ALA A 88 12.26 11.18 -8.72
N ILE A 89 12.24 10.61 -9.93
CA ILE A 89 12.20 11.40 -11.14
C ILE A 89 10.96 12.30 -11.12
N ALA A 90 9.82 11.71 -10.76
CA ALA A 90 8.57 12.44 -10.81
C ALA A 90 8.62 13.62 -9.86
N ARG A 91 9.14 13.40 -8.64
CA ARG A 91 9.20 14.49 -7.68
C ARG A 91 10.16 15.56 -8.13
N TYR A 92 11.32 15.14 -8.67
CA TYR A 92 12.27 16.11 -9.19
C TYR A 92 11.64 16.93 -10.31
N LEU A 93 10.94 16.26 -11.22
CA LEU A 93 10.30 17.00 -12.30
C LEU A 93 9.25 17.98 -11.78
N ASP A 94 8.46 17.57 -10.77
CA ASP A 94 7.52 18.49 -10.12
C ASP A 94 8.24 19.72 -9.61
N LYS A 95 9.36 19.51 -8.93
CA LYS A 95 10.00 20.58 -8.17
C LYS A 95 10.90 21.45 -9.04
N THR A 96 11.40 20.92 -10.13
CA THR A 96 12.29 21.70 -10.98
C THR A 96 11.54 22.44 -12.08
N TYR A 97 10.39 21.93 -12.52
CA TYR A 97 9.60 22.53 -13.60
C TYR A 97 8.21 22.80 -13.09
N PRO A 98 8.08 23.72 -12.12
CA PRO A 98 6.81 23.88 -11.40
C PRO A 98 5.67 24.37 -12.25
N ASP A 99 5.96 24.93 -13.43
CA ASP A 99 4.90 25.41 -14.30
C ASP A 99 4.33 24.32 -15.21
N THR A 100 4.80 23.05 -15.07
CA THR A 100 4.21 21.92 -15.77
C THR A 100 3.16 21.24 -14.90
N PRO A 101 2.29 20.41 -15.47
CA PRO A 101 1.26 19.75 -14.66
C PRO A 101 1.86 18.91 -13.53
N VAL A 102 1.46 19.23 -12.31
CA VAL A 102 1.94 18.51 -11.13
C VAL A 102 1.44 17.07 -11.15
N VAL A 103 2.32 16.12 -10.82
CA VAL A 103 1.91 14.72 -10.71
C VAL A 103 1.89 14.21 -9.27
N ILE A 104 2.61 14.83 -8.35
CA ILE A 104 2.50 14.42 -6.95
C ILE A 104 2.18 15.63 -6.10
N PRO A 105 0.93 16.10 -6.06
CA PRO A 105 0.58 17.25 -5.22
C PRO A 105 1.02 17.03 -3.79
N PRO A 106 1.54 18.07 -3.14
CA PRO A 106 2.28 17.84 -1.87
C PRO A 106 1.47 17.16 -0.78
N GLU A 107 0.16 17.45 -0.66
CA GLU A 107 -0.64 16.80 0.36
C GLU A 107 -0.78 15.30 0.12
N THR A 108 -0.45 14.83 -1.09
CA THR A 108 -0.57 13.42 -1.47
C THR A 108 0.77 12.68 -1.49
N ASP A 109 1.85 13.33 -1.05
CA ASP A 109 3.17 12.77 -1.30
C ASP A 109 3.43 11.52 -0.48
N ALA A 110 3.13 11.57 0.82
CA ALA A 110 3.27 10.39 1.65
C ALA A 110 2.29 9.29 1.23
N LEU A 111 1.06 9.67 0.87
CA LEU A 111 0.09 8.69 0.39
C LEU A 111 0.55 8.04 -0.91
N HIS A 112 1.19 8.81 -1.79
CA HIS A 112 1.77 8.24 -3.01
C HIS A 112 2.83 7.20 -2.67
N ALA A 113 3.73 7.55 -1.75
CA ALA A 113 4.77 6.60 -1.37
C ALA A 113 4.17 5.34 -0.80
N ALA A 114 3.08 5.48 -0.04
CA ALA A 114 2.38 4.29 0.44
C ALA A 114 1.72 3.55 -0.71
N PHE A 115 1.16 4.29 -1.68
CA PHE A 115 0.56 3.61 -2.81
C PHE A 115 1.60 2.78 -3.55
N ASN A 116 2.80 3.33 -3.73
CA ASN A 116 3.84 2.59 -4.44
C ASN A 116 4.06 1.22 -3.82
N PHE A 117 4.22 1.18 -2.50
CA PHE A 117 4.32 -0.10 -1.79
C PHE A 117 3.12 -0.99 -2.07
N ALA A 118 1.89 -0.48 -1.84
CA ALA A 118 0.69 -1.28 -2.05
C ALA A 118 0.65 -1.85 -3.45
N PHE A 119 1.00 -1.01 -4.43
CA PHE A 119 1.00 -1.44 -5.82
C PHE A 119 2.04 -2.53 -6.05
N SER A 120 3.25 -2.35 -5.50
CA SER A 120 4.28 -3.37 -5.65
C SER A 120 3.83 -4.68 -5.02
N GLU A 121 3.24 -4.60 -3.83
CA GLU A 121 2.75 -5.81 -3.19
C GLU A 121 1.62 -6.45 -4.00
N ALA A 122 0.69 -5.64 -4.52
CA ALA A 122 -0.48 -6.23 -5.17
C ALA A 122 -0.22 -6.68 -6.62
N ILE A 123 0.63 -5.97 -7.36
CA ILE A 123 0.78 -6.16 -8.81
C ILE A 123 2.12 -6.77 -9.16
N VAL A 124 3.21 -6.10 -8.79
CA VAL A 124 4.50 -6.33 -9.45
C VAL A 124 4.94 -7.77 -9.29
N ARG A 125 4.80 -8.33 -8.09
CA ARG A 125 5.22 -9.71 -7.89
C ARG A 125 4.26 -10.71 -8.54
N ALA A 126 3.00 -10.33 -8.72
CA ALA A 126 2.06 -11.20 -9.44
C ALA A 126 2.40 -11.26 -10.93
N LEU A 127 2.86 -10.14 -11.50
CA LEU A 127 3.20 -10.15 -12.91
C LEU A 127 4.43 -11.00 -13.19
N ALA A 128 5.40 -11.00 -12.28
CA ALA A 128 6.75 -11.49 -12.59
C ALA A 128 6.79 -12.86 -13.24
N PRO A 129 6.09 -13.90 -12.74
CA PRO A 129 6.26 -15.23 -13.36
C PRO A 129 5.84 -15.30 -14.81
N ILE A 130 4.92 -14.44 -15.25
CA ILE A 130 4.52 -14.42 -16.65
C ILE A 130 5.32 -13.40 -17.43
N MET A 131 5.60 -12.24 -16.82
CA MET A 131 6.11 -11.12 -17.59
C MET A 131 7.63 -11.12 -17.73
N LEU A 132 8.37 -11.56 -16.72
CA LEU A 132 9.83 -11.57 -16.87
C LEU A 132 10.30 -12.52 -17.96
N PRO A 133 9.79 -13.75 -18.08
CA PRO A 133 10.17 -14.57 -19.25
C PRO A 133 9.75 -13.92 -20.55
N ALA A 134 8.54 -13.37 -20.60
CA ALA A 134 8.13 -12.68 -21.82
C ALA A 134 9.10 -11.55 -22.17
N THR A 135 9.56 -10.77 -21.19
CA THR A 135 10.44 -9.68 -21.61
C THR A 135 11.83 -10.17 -21.95
N ASN A 136 12.21 -11.34 -21.46
CA ASN A 136 13.51 -11.89 -21.85
C ASN A 136 13.52 -12.25 -23.33
N ALA A 137 12.44 -12.87 -23.82
CA ALA A 137 12.33 -13.29 -25.20
C ALA A 137 12.33 -12.13 -26.19
N GLN A 138 12.25 -10.89 -25.74
CA GLN A 138 12.28 -9.77 -26.68
C GLN A 138 13.47 -8.86 -26.43
N LEU A 139 14.41 -9.27 -25.61
CA LEU A 139 15.62 -8.49 -25.37
C LEU A 139 16.66 -8.74 -26.46
N ASN A 140 17.41 -7.69 -26.78
CA ASN A 140 18.62 -7.84 -27.59
C ASN A 140 19.54 -8.88 -26.95
N PRO A 141 20.31 -9.60 -27.76
CA PRO A 141 21.14 -10.70 -27.24
C PRO A 141 22.02 -10.37 -26.03
N ARG A 142 22.67 -9.21 -25.99
CA ARG A 142 23.52 -8.90 -24.84
C ARG A 142 22.71 -8.77 -23.56
N SER A 143 21.56 -8.07 -23.63
CA SER A 143 20.65 -7.99 -22.48
C SER A 143 20.03 -9.35 -22.16
N GLU A 144 19.77 -10.17 -23.17
CA GLU A 144 19.15 -11.47 -22.93
C GLU A 144 20.08 -12.39 -22.13
N GLU A 145 21.37 -12.44 -22.51
CA GLU A 145 22.32 -13.23 -21.72
C GLU A 145 22.31 -12.78 -20.26
N PHE A 146 22.37 -11.45 -20.04
CA PHE A 146 22.40 -10.90 -18.69
C PHE A 146 21.07 -11.15 -17.97
N PHE A 147 19.95 -10.88 -18.63
CA PHE A 147 18.66 -10.97 -17.97
C PHE A 147 18.33 -12.40 -17.59
N ARG A 148 18.50 -13.32 -18.54
CA ARG A 148 18.18 -14.72 -18.27
C ARG A 148 19.03 -15.26 -17.12
N ARG A 149 20.33 -14.97 -17.12
CA ARG A 149 21.25 -15.54 -16.13
C ARG A 149 20.90 -15.07 -14.72
N THR A 150 20.76 -13.76 -14.56
CA THR A 150 20.48 -13.19 -13.24
C THR A 150 19.08 -13.58 -12.74
N ARG A 151 18.07 -13.51 -13.62
CA ARG A 151 16.72 -13.79 -13.18
C ARG A 151 16.54 -15.27 -12.85
N GLU A 152 17.12 -16.16 -13.66
CA GLU A 152 17.02 -17.59 -13.35
C GLU A 152 17.75 -17.92 -12.04
N GLU A 153 18.93 -17.34 -11.82
CA GLU A 153 19.65 -17.60 -10.58
C GLU A 153 18.84 -17.13 -9.39
N SER A 154 18.33 -15.89 -9.45
CA SER A 154 17.46 -15.36 -8.40
C SER A 154 16.23 -16.22 -8.16
N ALA A 155 15.92 -17.15 -9.07
CA ALA A 155 14.80 -18.06 -8.90
C ALA A 155 15.27 -19.47 -8.57
N GLY A 156 16.42 -19.60 -7.91
CA GLY A 156 16.92 -20.92 -7.52
C GLY A 156 17.26 -21.84 -8.65
N GLY A 157 17.40 -21.32 -9.87
CA GLY A 157 17.83 -22.10 -11.00
C GLY A 157 16.75 -22.48 -12.02
N VAL A 158 15.47 -22.41 -11.64
CA VAL A 158 14.44 -22.86 -12.57
C VAL A 158 14.43 -21.97 -13.81
N LYS A 159 14.48 -22.59 -14.98
CA LYS A 159 14.62 -21.82 -16.21
C LYS A 159 13.33 -21.05 -16.54
N LEU A 160 13.49 -20.01 -17.35
CA LEU A 160 12.40 -19.10 -17.58
C LEU A 160 11.19 -19.80 -18.15
N GLU A 161 11.40 -20.78 -19.04
CA GLU A 161 10.29 -21.41 -19.75
C GLU A 161 9.43 -22.28 -18.85
N ASP A 162 9.92 -22.65 -17.67
CA ASP A 162 9.17 -23.43 -16.69
C ASP A 162 8.49 -22.57 -15.60
N TRP A 163 8.64 -21.24 -15.66
CA TRP A 163 8.09 -20.41 -14.60
C TRP A 163 6.56 -20.45 -14.59
N ALA A 164 5.95 -20.18 -15.75
CA ALA A 164 4.50 -20.23 -15.91
C ALA A 164 4.20 -20.58 -17.37
N PRO A 165 4.51 -21.81 -17.78
CA PRO A 165 4.42 -22.14 -19.21
C PRO A 165 2.98 -22.14 -19.69
N PRO A 166 2.75 -21.81 -20.95
CA PRO A 166 1.38 -21.77 -21.47
C PRO A 166 0.64 -23.08 -21.26
N GLY A 167 -0.66 -22.98 -21.01
CA GLY A 167 -1.47 -24.14 -20.75
C GLY A 167 -1.18 -24.87 -19.45
N SER A 168 -0.21 -24.41 -18.67
CA SER A 168 0.07 -25.07 -17.39
C SER A 168 -0.91 -24.60 -16.32
N GLU A 169 -0.95 -25.34 -15.21
CA GLU A 169 -1.70 -24.83 -14.06
C GLU A 169 -0.95 -23.68 -13.39
N LYS A 170 0.38 -23.74 -13.37
CA LYS A 170 1.16 -22.61 -12.88
C LYS A 170 0.73 -21.31 -13.56
N ARG A 171 0.65 -21.33 -14.89
CA ARG A 171 0.31 -20.08 -15.57
C ARG A 171 -1.10 -19.64 -15.23
N ALA A 172 -2.01 -20.59 -15.04
CA ALA A 172 -3.38 -20.22 -14.71
C ALA A 172 -3.46 -19.62 -13.31
N LYS A 173 -2.75 -20.22 -12.35
CA LYS A 173 -2.72 -19.66 -11.01
C LYS A 173 -2.07 -18.27 -11.00
N ALA A 174 -1.04 -18.09 -11.83
CA ALA A 174 -0.42 -16.78 -11.93
C ALA A 174 -1.40 -15.72 -12.42
N TRP A 175 -2.20 -16.04 -13.45
CA TRP A 175 -3.16 -15.08 -13.94
C TRP A 175 -4.18 -14.74 -12.86
N GLU A 176 -4.63 -15.74 -12.14
CA GLU A 176 -5.62 -15.53 -11.09
C GLU A 176 -5.11 -14.54 -10.07
N LYS A 177 -3.84 -14.68 -9.70
CA LYS A 177 -3.23 -13.76 -8.77
C LYS A 177 -3.08 -12.37 -9.38
N ILE A 178 -2.82 -12.30 -10.68
CA ILE A 178 -2.69 -11.00 -11.33
C ILE A 178 -4.05 -10.31 -11.37
N ARG A 179 -5.10 -11.06 -11.73
CA ARG A 179 -6.42 -10.46 -11.82
C ARG A 179 -6.89 -9.97 -10.46
N ALA A 180 -6.66 -10.76 -9.41
CA ALA A 180 -7.05 -10.32 -8.07
C ALA A 180 -6.27 -9.07 -7.66
N GLY A 181 -5.00 -8.97 -8.07
CA GLY A 181 -4.23 -7.77 -7.80
C GLY A 181 -4.88 -6.52 -8.39
N PHE A 182 -5.21 -6.58 -9.68
CA PHE A 182 -5.89 -5.43 -10.25
C PHE A 182 -7.29 -5.23 -9.67
N GLY A 183 -7.92 -6.29 -9.14
CA GLY A 183 -9.22 -6.13 -8.54
C GLY A 183 -9.16 -5.33 -7.26
N GLN A 184 -8.04 -5.36 -6.56
CA GLN A 184 -7.87 -4.50 -5.42
C GLN A 184 -7.69 -3.06 -5.86
N ILE A 185 -6.99 -2.83 -6.96
CA ILE A 185 -6.87 -1.46 -7.42
C ILE A 185 -8.24 -0.92 -7.78
N ALA A 186 -9.03 -1.71 -8.49
CA ALA A 186 -10.37 -1.29 -8.87
C ALA A 186 -11.20 -0.94 -7.64
N LYS A 187 -11.15 -1.77 -6.61
CA LYS A 187 -11.88 -1.47 -5.38
C LYS A 187 -11.34 -0.19 -4.72
N TRP A 188 -10.01 0.02 -4.73
CA TRP A 188 -9.49 1.28 -4.22
C TRP A 188 -10.07 2.48 -4.94
N LEU A 189 -10.24 2.37 -6.27
CA LEU A 189 -10.68 3.47 -7.12
C LEU A 189 -12.17 3.74 -7.02
N SER A 190 -12.93 2.85 -6.37
CA SER A 190 -14.36 3.00 -6.17
C SER A 190 -14.75 2.86 -4.69
N ALA A 191 -13.79 3.07 -3.78
CA ALA A 191 -13.99 2.80 -2.36
C ALA A 191 -15.02 3.72 -1.70
N ASP A 192 -15.28 4.90 -2.25
CA ASP A 192 -16.28 5.80 -1.72
C ASP A 192 -17.60 5.72 -2.48
N GLY A 193 -17.80 4.67 -3.28
CA GLY A 193 -18.96 4.52 -4.12
C GLY A 193 -18.85 5.15 -5.48
N ASN A 194 -17.93 6.10 -5.66
CA ASN A 194 -17.73 6.81 -6.92
C ASN A 194 -16.61 6.10 -7.70
N ASP A 195 -16.96 5.49 -8.83
CA ASP A 195 -16.01 4.68 -9.59
C ASP A 195 -15.16 5.57 -10.49
N LYS A 196 -13.91 5.84 -10.07
CA LYS A 196 -13.01 6.72 -10.80
C LYS A 196 -12.09 5.93 -11.73
N LEU A 197 -11.49 6.67 -12.65
CA LEU A 197 -10.36 6.16 -13.40
C LEU A 197 -9.04 6.73 -12.91
N LEU A 198 -9.06 7.92 -12.32
CA LEU A 198 -7.88 8.53 -11.74
C LEU A 198 -8.02 8.58 -10.24
N PHE A 199 -6.89 8.44 -9.56
CA PHE A 199 -6.91 8.38 -8.09
C PHE A 199 -7.44 9.66 -7.45
N LEU A 200 -7.03 10.84 -7.95
CA LEU A 200 -7.51 12.10 -7.40
C LEU A 200 -8.86 12.54 -7.97
N GLY A 201 -9.49 11.70 -8.80
CA GLY A 201 -10.77 12.02 -9.38
C GLY A 201 -10.69 12.55 -10.79
N ASP A 202 -10.46 13.85 -10.91
CA ASP A 202 -10.45 14.53 -12.20
C ASP A 202 -9.05 14.87 -12.71
N LYS A 203 -8.04 14.93 -11.82
CA LYS A 203 -6.69 15.30 -12.21
C LYS A 203 -5.77 14.07 -12.26
N VAL A 204 -4.86 14.06 -13.24
CA VAL A 204 -3.85 13.01 -13.34
C VAL A 204 -2.83 13.16 -12.22
N SER A 205 -2.41 12.04 -11.65
CA SER A 205 -1.39 12.01 -10.62
C SER A 205 -0.36 10.95 -10.99
N TYR A 206 0.76 10.94 -10.26
CA TYR A 206 1.76 9.91 -10.53
C TYR A 206 1.23 8.51 -10.26
N ALA A 207 0.17 8.38 -9.44
CA ALA A 207 -0.36 7.05 -9.16
C ALA A 207 -1.03 6.45 -10.40
N ASP A 208 -1.71 7.30 -11.17
CA ASP A 208 -2.26 6.90 -12.45
C ASP A 208 -1.15 6.51 -13.41
N ILE A 209 -0.08 7.31 -13.43
CA ILE A 209 1.04 7.04 -14.33
C ILE A 209 1.67 5.72 -13.98
N THR A 210 1.73 5.41 -12.68
CA THR A 210 2.29 4.14 -12.24
C THR A 210 1.56 2.96 -12.86
N ILE A 211 0.23 3.03 -12.89
CA ILE A 211 -0.55 1.91 -13.38
C ILE A 211 -0.35 1.73 -14.87
N VAL A 212 -0.45 2.81 -15.64
CA VAL A 212 -0.33 2.65 -17.09
C VAL A 212 1.09 2.27 -17.46
N GLY A 213 2.07 2.65 -16.65
CA GLY A 213 3.41 2.17 -16.86
C GLY A 213 3.47 0.65 -16.92
N TRP A 214 2.92 0.01 -15.90
CA TRP A 214 3.04 -1.44 -15.85
C TRP A 214 2.08 -2.09 -16.83
N VAL A 215 0.92 -1.47 -17.07
CA VAL A 215 -0.06 -2.09 -17.98
C VAL A 215 0.44 -2.01 -19.41
N ILE A 216 1.06 -0.90 -19.80
CA ILE A 216 1.56 -0.79 -21.17
C ILE A 216 2.68 -1.80 -21.40
N TRP A 217 3.43 -2.13 -20.34
CA TRP A 217 4.42 -3.20 -20.41
C TRP A 217 3.76 -4.52 -20.76
N VAL A 218 2.66 -4.82 -20.08
CA VAL A 218 1.94 -6.07 -20.35
C VAL A 218 1.41 -6.06 -21.77
N LYS A 219 0.89 -4.90 -22.22
CA LYS A 219 0.27 -4.83 -23.53
C LYS A 219 1.32 -4.97 -24.62
N ARG A 220 2.44 -4.27 -24.48
CA ARG A 220 3.41 -4.28 -25.57
C ARG A 220 4.21 -5.58 -25.59
N VAL A 221 4.56 -6.11 -24.43
CA VAL A 221 5.42 -7.29 -24.38
C VAL A 221 4.64 -8.55 -24.69
N LEU A 222 3.48 -8.76 -24.05
CA LEU A 222 2.66 -9.91 -24.43
C LEU A 222 2.07 -9.73 -25.81
N GLY A 223 1.85 -8.50 -26.25
CA GLY A 223 1.38 -8.23 -27.59
C GLY A 223 -0.07 -7.78 -27.64
N PRO A 224 -0.33 -6.68 -28.35
CA PRO A 224 -1.70 -6.15 -28.41
C PRO A 224 -2.73 -7.15 -28.93
N ASP A 225 -2.33 -8.15 -29.70
CA ASP A 225 -3.28 -9.10 -30.28
C ASP A 225 -3.19 -10.48 -29.65
N SER A 226 -2.41 -10.62 -28.58
CA SER A 226 -2.40 -11.87 -27.84
C SER A 226 -3.77 -12.10 -27.21
N ALA A 227 -4.12 -13.38 -27.04
CA ALA A 227 -5.38 -13.71 -26.38
C ALA A 227 -5.38 -13.23 -24.94
N GLU A 228 -4.25 -13.40 -24.25
CA GLU A 228 -4.18 -12.96 -22.86
C GLU A 228 -4.41 -11.47 -22.75
N TRP A 229 -3.86 -10.68 -23.67
CA TRP A 229 -4.07 -9.24 -23.55
C TRP A 229 -5.49 -8.84 -23.92
N LYS A 230 -6.04 -9.44 -24.99
CA LYS A 230 -7.41 -9.10 -25.34
C LYS A 230 -8.37 -9.46 -24.20
N ASP A 231 -8.03 -10.49 -23.42
CA ASP A 231 -8.78 -10.79 -22.21
C ASP A 231 -8.56 -9.73 -21.14
N PHE A 232 -7.31 -9.26 -21.01
CA PHE A 232 -6.98 -8.28 -19.99
C PHE A 232 -7.84 -7.03 -20.13
N GLU A 233 -8.13 -6.61 -21.36
CA GLU A 233 -8.87 -5.37 -21.47
C GLU A 233 -10.35 -5.51 -21.18
N THR A 234 -10.84 -6.72 -20.92
CA THR A 234 -12.22 -6.86 -20.43
C THR A 234 -12.31 -6.83 -18.91
N TRP A 235 -11.17 -6.86 -18.22
CA TRP A 235 -11.23 -6.94 -16.76
C TRP A 235 -11.84 -5.67 -16.19
N ASP A 236 -12.62 -5.85 -15.11
CA ASP A 236 -13.18 -4.73 -14.36
C ASP A 236 -13.89 -3.76 -15.29
N ASP A 237 -14.80 -4.31 -16.10
CA ASP A 237 -15.60 -3.49 -17.02
C ASP A 237 -14.69 -2.64 -17.89
N GLY A 238 -13.57 -3.23 -18.29
CA GLY A 238 -12.57 -2.60 -19.13
C GLY A 238 -11.77 -1.50 -18.48
N LYS A 239 -11.78 -1.41 -17.14
CA LYS A 239 -11.20 -0.24 -16.48
C LYS A 239 -9.76 0.03 -16.93
N TRP A 240 -8.98 -1.03 -17.11
CA TRP A 240 -7.56 -0.82 -17.42
C TRP A 240 -7.37 -0.39 -18.85
N ALA A 241 -8.18 -0.94 -19.76
CA ALA A 241 -8.15 -0.48 -21.14
C ALA A 241 -8.45 1.01 -21.21
N LYS A 242 -9.41 1.46 -20.40
CA LYS A 242 -9.80 2.87 -20.43
C LYS A 242 -8.67 3.78 -19.95
N GLN A 243 -7.95 3.38 -18.91
CA GLN A 243 -6.80 4.18 -18.52
C GLN A 243 -5.78 4.26 -19.63
N LEU A 244 -5.53 3.14 -20.31
CA LEU A 244 -4.62 3.17 -21.44
C LEU A 244 -5.07 4.19 -22.47
N ALA A 245 -6.37 4.18 -22.79
CA ALA A 245 -6.88 5.11 -23.79
C ALA A 245 -6.69 6.56 -23.34
N LEU A 246 -6.99 6.83 -22.07
CA LEU A 246 -6.86 8.19 -21.56
C LEU A 246 -5.44 8.73 -21.73
N PHE A 247 -4.44 7.86 -21.68
CA PHE A 247 -3.04 8.25 -21.76
C PHE A 247 -2.46 8.10 -23.15
N GLU A 248 -3.22 7.56 -24.09
CA GLU A 248 -2.66 7.21 -25.40
C GLU A 248 -1.88 8.37 -26.01
N LYS A 249 -2.43 9.59 -25.94
CA LYS A 249 -1.75 10.77 -26.45
C LYS A 249 -0.38 10.99 -25.80
N TYR A 250 -0.05 10.25 -24.76
CA TYR A 250 1.26 10.29 -24.14
C TYR A 250 2.03 8.98 -24.29
N GLU A 251 1.43 7.96 -24.91
CA GLU A 251 2.10 6.68 -25.16
C GLU A 251 2.91 6.80 -26.46
N VAL A 252 4.03 7.52 -26.36
CA VAL A 252 4.82 7.86 -27.56
C VAL A 252 6.30 7.86 -27.21
N VAL A 253 7.12 7.41 -28.16
CA VAL A 253 8.56 7.60 -28.11
C VAL A 253 8.89 8.77 -29.04
N PRO A 254 9.30 9.93 -28.50
CA PRO A 254 9.19 11.17 -29.27
C PRO A 254 10.06 11.33 -30.51
N ASP A 255 10.68 10.28 -31.05
CA ASP A 255 11.18 10.34 -32.42
C ASP A 255 12.47 11.16 -32.54
N ALA A 256 13.54 10.58 -33.07
CA ALA A 256 14.77 11.34 -33.34
C ALA A 256 15.66 10.64 -34.35
N ASN B 3 -30.38 11.53 21.06
CA ASN B 3 -29.94 10.13 21.07
C ASN B 3 -28.71 9.99 20.16
N VAL B 4 -27.58 9.67 20.78
CA VAL B 4 -26.27 9.76 20.15
C VAL B 4 -25.86 8.47 19.44
N ILE B 5 -24.68 8.49 18.80
CA ILE B 5 -24.15 7.31 18.11
C ILE B 5 -23.94 6.18 19.10
N GLN B 6 -24.35 4.96 18.69
CA GLN B 6 -24.04 3.74 19.42
C GLN B 6 -22.75 3.14 18.87
N PHE B 7 -21.72 3.00 19.73
CA PHE B 7 -20.39 2.56 19.33
C PHE B 7 -20.06 1.28 20.06
N TYR B 8 -19.76 0.22 19.31
CA TYR B 8 -19.59 -1.11 19.88
C TYR B 8 -18.11 -1.47 20.02
N ASP B 9 -17.77 -2.08 21.15
CA ASP B 9 -16.37 -2.27 21.53
C ASP B 9 -16.27 -3.50 22.41
N ILE B 10 -15.08 -4.07 22.46
CA ILE B 10 -14.77 -5.28 23.22
C ILE B 10 -14.01 -4.87 24.48
N PRO B 11 -14.51 -5.18 25.67
CA PRO B 11 -13.72 -4.91 26.88
C PRO B 11 -12.44 -5.74 26.94
N GLY B 12 -11.44 -5.19 27.61
CA GLY B 12 -10.22 -5.90 27.93
C GLY B 12 -9.71 -5.39 29.27
N ASN B 13 -8.75 -6.12 29.83
CA ASN B 13 -8.19 -5.78 31.12
C ASN B 13 -6.85 -5.07 31.05
N ALA B 14 -6.36 -4.72 29.85
CA ALA B 14 -5.07 -4.05 29.74
C ALA B 14 -5.06 -2.73 30.50
N THR B 15 -6.21 -2.07 30.55
CA THR B 15 -6.30 -0.74 31.11
C THR B 15 -7.55 -0.65 31.96
N PRO B 16 -7.61 0.33 32.86
CA PRO B 16 -8.88 0.58 33.56
C PRO B 16 -10.03 0.90 32.63
N ASP B 17 -9.84 1.71 31.59
CA ASP B 17 -10.97 2.11 30.77
C ASP B 17 -11.44 1.04 29.79
N LYS B 18 -10.80 -0.13 29.77
CA LYS B 18 -11.22 -1.33 29.04
C LYS B 18 -11.00 -1.28 27.52
N ALA B 19 -10.52 -0.17 26.95
CA ALA B 19 -10.38 -0.06 25.50
C ALA B 19 -8.98 -0.45 25.04
N TRP B 20 -8.90 -1.49 24.20
CA TRP B 20 -7.61 -2.01 23.73
C TRP B 20 -7.56 -2.22 22.22
N SER B 21 -8.70 -2.49 21.56
CA SER B 21 -8.60 -3.05 20.21
C SER B 21 -8.14 -1.99 19.21
N PRO B 22 -7.23 -2.35 18.30
CA PRO B 22 -6.83 -1.39 17.25
C PRO B 22 -7.96 -1.12 16.28
N ASN B 23 -8.78 -2.13 16.02
CA ASN B 23 -9.87 -1.96 15.08
C ASN B 23 -10.84 -0.89 15.56
N THR B 24 -11.28 -0.99 16.82
CA THR B 24 -12.20 -0.01 17.37
C THR B 24 -11.51 1.32 17.69
N TRP B 25 -10.24 1.27 18.13
CA TRP B 25 -9.53 2.51 18.46
C TRP B 25 -9.41 3.44 17.26
N LYS B 26 -9.31 2.90 16.04
CA LYS B 26 -9.35 3.78 14.87
C LYS B 26 -10.63 4.60 14.88
N THR B 27 -11.76 3.95 15.12
CA THR B 27 -13.03 4.66 15.09
C THR B 27 -13.19 5.55 16.34
N ARG B 28 -12.71 5.08 17.49
CA ARG B 28 -12.79 5.89 18.71
C ARG B 28 -12.00 7.18 18.54
N TYR B 29 -10.74 7.06 18.12
CA TYR B 29 -10.00 8.23 17.66
C TYR B 29 -10.82 9.06 16.67
N THR B 30 -11.47 8.40 15.70
CA THR B 30 -12.15 9.15 14.65
C THR B 30 -13.33 9.92 15.21
N LEU B 31 -14.15 9.28 16.05
CA LEU B 31 -15.29 9.98 16.65
C LEU B 31 -14.79 11.11 17.55
N ASN B 32 -13.82 10.81 18.42
CA ASN B 32 -13.27 11.82 19.32
C ASN B 32 -12.73 13.03 18.52
N PHE B 33 -11.81 12.77 17.59
CA PHE B 33 -11.26 13.87 16.78
C PHE B 33 -12.34 14.67 16.05
N LYS B 34 -13.43 14.02 15.62
CA LYS B 34 -14.50 14.76 14.95
C LYS B 34 -15.40 15.50 15.93
N GLY B 35 -15.26 15.26 17.24
CA GLY B 35 -16.16 15.82 18.23
C GLY B 35 -17.56 15.26 18.20
N ILE B 36 -17.78 14.14 17.54
CA ILE B 36 -19.14 13.59 17.47
C ILE B 36 -19.41 12.83 18.75
N PRO B 37 -20.56 13.05 19.39
CA PRO B 37 -20.87 12.32 20.63
C PRO B 37 -21.35 10.91 20.35
N TYR B 38 -21.01 10.00 21.26
CA TYR B 38 -21.39 8.62 21.10
C TYR B 38 -21.45 7.96 22.47
N LYS B 39 -22.15 6.84 22.51
CA LYS B 39 -22.24 5.97 23.66
C LYS B 39 -21.51 4.66 23.34
N THR B 40 -20.77 4.12 24.30
CA THR B 40 -20.06 2.86 24.08
C THR B 40 -20.89 1.68 24.57
N ILE B 41 -21.00 0.64 23.74
CA ILE B 41 -21.67 -0.61 24.10
C ILE B 41 -20.64 -1.73 24.07
N TRP B 42 -20.45 -2.38 25.22
CA TRP B 42 -19.37 -3.34 25.44
C TRP B 42 -19.83 -4.78 25.21
N VAL B 43 -19.27 -5.44 24.19
CA VAL B 43 -19.65 -6.81 23.82
C VAL B 43 -18.42 -7.72 23.73
N GLU B 44 -18.62 -9.01 24.06
CA GLU B 44 -17.53 -9.96 24.04
C GLU B 44 -17.32 -10.48 22.62
N TYR B 45 -16.08 -10.89 22.33
CA TYR B 45 -15.75 -11.41 21.00
C TYR B 45 -16.81 -12.36 20.44
N PRO B 46 -17.26 -13.41 21.16
CA PRO B 46 -18.29 -14.29 20.60
C PRO B 46 -19.68 -13.65 20.51
N ASP B 47 -19.89 -12.47 21.10
CA ASP B 47 -21.18 -11.80 20.95
C ASP B 47 -21.27 -10.99 19.68
N ILE B 48 -20.15 -10.78 18.99
CA ILE B 48 -20.11 -9.73 17.96
C ILE B 48 -21.07 -10.06 16.83
N ALA B 49 -21.03 -11.31 16.36
CA ALA B 49 -21.93 -11.74 15.30
C ALA B 49 -23.39 -11.62 15.75
N SER B 50 -23.68 -12.05 16.97
CA SER B 50 -25.05 -12.03 17.45
C SER B 50 -25.57 -10.60 17.58
N VAL B 51 -24.76 -9.67 18.10
CA VAL B 51 -25.21 -8.27 18.16
C VAL B 51 -25.40 -7.72 16.75
N CYS B 52 -24.49 -8.05 15.84
CA CYS B 52 -24.56 -7.50 14.49
C CYS B 52 -25.84 -7.90 13.78
N LYS B 53 -26.30 -9.15 13.97
CA LYS B 53 -27.57 -9.51 13.36
C LYS B 53 -28.73 -8.77 14.01
N GLU B 54 -28.61 -8.49 15.31
CA GLU B 54 -29.69 -7.82 16.02
C GLU B 54 -29.92 -6.39 15.51
N ILE B 55 -28.84 -5.67 15.19
CA ILE B 55 -28.93 -4.26 14.83
C ILE B 55 -28.79 -4.01 13.32
N GLY B 56 -28.67 -5.05 12.51
CA GLY B 56 -28.56 -4.87 11.07
C GLY B 56 -27.20 -4.40 10.56
N ALA B 57 -26.11 -4.80 11.22
CA ALA B 57 -24.78 -4.50 10.74
C ALA B 57 -24.37 -5.49 9.67
N GLU B 58 -23.84 -4.97 8.56
CA GLU B 58 -23.28 -5.82 7.51
C GLU B 58 -22.02 -6.53 8.02
N PRO B 59 -21.78 -7.78 7.61
CA PRO B 59 -20.46 -8.39 7.85
C PRO B 59 -19.39 -7.67 7.04
N THR B 60 -18.15 -7.75 7.54
CA THR B 60 -17.03 -7.06 6.90
C THR B 60 -16.26 -7.94 5.93
N SER B 61 -16.46 -9.27 5.96
CA SER B 61 -15.91 -10.13 4.93
C SER B 61 -16.84 -11.33 4.75
N ILE B 62 -16.87 -11.87 3.52
CA ILE B 62 -17.51 -13.15 3.22
C ILE B 62 -16.41 -14.21 3.07
N ARG B 63 -16.59 -15.35 3.71
CA ARG B 63 -15.57 -16.39 3.75
C ARG B 63 -16.25 -17.75 3.60
N PRO B 64 -15.49 -18.86 3.39
CA PRO B 64 -16.19 -20.10 3.02
C PRO B 64 -17.16 -20.54 4.08
N ASP B 65 -16.93 -20.05 5.29
CA ASP B 65 -17.65 -20.41 6.49
C ASP B 65 -18.99 -19.66 6.61
N GLY B 66 -19.22 -18.65 5.78
CA GLY B 66 -20.33 -17.74 5.92
C GLY B 66 -19.86 -16.30 6.09
N PRO B 67 -20.82 -15.41 6.39
CA PRO B 67 -20.48 -14.01 6.65
C PRO B 67 -19.72 -13.86 7.96
N TYR B 68 -18.69 -13.00 7.93
CA TYR B 68 -17.80 -12.82 9.09
C TYR B 68 -17.94 -11.39 9.63
N TYR B 69 -18.34 -11.29 10.89
CA TYR B 69 -18.68 -10.03 11.52
C TYR B 69 -17.56 -9.54 12.43
N THR B 70 -17.22 -8.27 12.30
CA THR B 70 -16.19 -7.62 13.11
C THR B 70 -16.69 -6.29 13.66
N LEU B 71 -15.94 -5.80 14.64
CA LEU B 71 -16.05 -4.44 15.12
C LEU B 71 -14.87 -3.67 14.57
N PRO B 72 -14.94 -2.32 14.54
CA PRO B 72 -16.02 -1.44 15.00
C PRO B 72 -17.31 -1.50 14.23
N VAL B 73 -18.40 -1.31 14.95
CA VAL B 73 -19.70 -1.03 14.36
C VAL B 73 -20.31 0.17 15.09
N ILE B 74 -20.88 1.09 14.33
CA ILE B 74 -21.68 2.15 14.90
C ILE B 74 -23.08 2.07 14.34
N HIS B 75 -24.06 2.41 15.17
CA HIS B 75 -25.43 2.60 14.75
C HIS B 75 -25.82 4.04 15.01
N ASP B 76 -26.28 4.73 13.96
CA ASP B 76 -26.63 6.15 14.02
C ASP B 76 -28.13 6.30 14.13
N PRO B 77 -28.69 6.40 15.35
CA PRO B 77 -30.15 6.58 15.46
C PRO B 77 -30.65 7.83 14.75
N SER B 78 -29.79 8.84 14.61
CA SER B 78 -30.12 10.06 13.86
C SER B 78 -30.48 9.78 12.41
N THR B 79 -29.97 8.68 11.83
CA THR B 79 -30.29 8.30 10.46
C THR B 79 -30.82 6.88 10.34
N GLY B 80 -30.79 6.07 11.41
CA GLY B 80 -31.17 4.69 11.30
C GLY B 80 -30.14 3.77 10.67
N LYS B 81 -28.97 4.29 10.30
CA LYS B 81 -27.98 3.51 9.56
C LYS B 81 -26.94 2.88 10.49
N THR B 82 -26.59 1.64 10.21
CA THR B 82 -25.58 0.89 10.93
C THR B 82 -24.42 0.62 9.98
N ILE B 83 -23.21 0.90 10.43
CA ILE B 83 -22.03 0.86 9.57
C ILE B 83 -20.95 0.03 10.24
N SER B 84 -20.34 -0.87 9.47
CA SER B 84 -19.23 -1.67 9.96
C SER B 84 -17.99 -1.39 9.10
N ASP B 85 -16.83 -1.78 9.63
CA ASP B 85 -15.51 -1.46 9.09
C ASP B 85 -15.16 0.01 9.34
N SER B 86 -14.08 0.24 10.07
CA SER B 86 -13.70 1.59 10.49
C SER B 86 -13.45 2.53 9.32
N ALA B 87 -13.01 2.00 8.18
CA ALA B 87 -12.84 2.86 7.00
C ALA B 87 -14.18 3.29 6.42
N ALA B 88 -15.19 2.41 6.42
CA ALA B 88 -16.53 2.81 5.98
C ALA B 88 -17.17 3.77 6.98
N ILE B 89 -17.10 3.46 8.26
CA ILE B 89 -17.41 4.40 9.35
C ILE B 89 -16.86 5.79 9.05
N ALA B 90 -15.55 5.85 8.81
CA ALA B 90 -14.90 7.14 8.59
C ALA B 90 -15.53 7.88 7.42
N ARG B 91 -15.68 7.22 6.28
CA ARG B 91 -16.34 7.86 5.16
C ARG B 91 -17.74 8.30 5.55
N TYR B 92 -18.45 7.46 6.31
CA TYR B 92 -19.80 7.80 6.75
C TYR B 92 -19.81 9.04 7.63
N LEU B 93 -18.95 9.06 8.65
CA LEU B 93 -18.90 10.22 9.54
C LEU B 93 -18.57 11.50 8.77
N ASP B 94 -17.56 11.44 7.89
CA ASP B 94 -17.22 12.58 7.03
C ASP B 94 -18.45 13.16 6.36
N LYS B 95 -19.23 12.31 5.71
CA LYS B 95 -20.30 12.83 4.87
C LYS B 95 -21.56 13.12 5.66
N THR B 96 -21.86 12.30 6.68
CA THR B 96 -23.07 12.55 7.47
C THR B 96 -22.93 13.77 8.37
N TYR B 97 -21.70 14.20 8.69
CA TYR B 97 -21.45 15.33 9.60
C TYR B 97 -20.46 16.28 8.96
N PRO B 98 -20.85 16.92 7.85
CA PRO B 98 -19.85 17.64 7.02
C PRO B 98 -19.11 18.74 7.75
N ASP B 99 -19.67 19.28 8.83
CA ASP B 99 -19.05 20.40 9.55
C ASP B 99 -17.97 19.96 10.52
N THR B 100 -17.80 18.66 10.74
CA THR B 100 -16.68 18.19 11.54
C THR B 100 -15.41 18.22 10.71
N PRO B 101 -14.24 18.19 11.36
CA PRO B 101 -13.00 18.00 10.59
C PRO B 101 -13.11 16.77 9.69
N VAL B 102 -12.89 16.95 8.40
CA VAL B 102 -12.98 15.84 7.46
C VAL B 102 -11.69 15.03 7.56
N VAL B 103 -11.83 13.71 7.71
CA VAL B 103 -10.66 12.84 7.83
C VAL B 103 -10.23 12.21 6.50
N ILE B 104 -11.14 12.03 5.54
CA ILE B 104 -10.77 11.48 4.22
C ILE B 104 -11.17 12.47 3.12
N PRO B 105 -10.34 13.47 2.82
CA PRO B 105 -10.64 14.40 1.72
C PRO B 105 -10.89 13.64 0.43
N PRO B 106 -11.92 14.01 -0.32
CA PRO B 106 -12.32 13.22 -1.51
C PRO B 106 -11.18 12.95 -2.48
N GLU B 107 -10.38 13.98 -2.80
CA GLU B 107 -9.28 13.79 -3.74
C GLU B 107 -8.30 12.74 -3.25
N THR B 108 -8.28 12.44 -1.94
CA THR B 108 -7.39 11.45 -1.35
C THR B 108 -8.09 10.16 -0.99
N ASP B 109 -9.35 9.97 -1.41
CA ASP B 109 -10.11 8.81 -0.97
C ASP B 109 -9.48 7.49 -1.44
N ALA B 110 -9.17 7.41 -2.74
CA ALA B 110 -8.61 6.18 -3.29
C ALA B 110 -7.18 5.93 -2.81
N LEU B 111 -6.37 6.98 -2.58
CA LEU B 111 -5.07 6.76 -1.99
C LEU B 111 -5.18 6.24 -0.55
N HIS B 112 -6.19 6.69 0.19
CA HIS B 112 -6.46 6.11 1.51
C HIS B 112 -6.80 4.62 1.40
N ALA B 113 -7.54 4.23 0.36
CA ALA B 113 -7.82 2.80 0.18
C ALA B 113 -6.54 2.03 -0.12
N ALA B 114 -5.65 2.61 -0.93
CA ALA B 114 -4.36 1.98 -1.21
C ALA B 114 -3.50 1.95 0.05
N PHE B 115 -3.56 3.01 0.85
CA PHE B 115 -2.79 3.06 2.08
C PHE B 115 -3.23 1.95 3.03
N ASN B 116 -4.54 1.75 3.16
CA ASN B 116 -5.02 0.70 4.05
C ASN B 116 -4.45 -0.67 3.66
N PHE B 117 -4.39 -0.99 2.36
CA PHE B 117 -3.75 -2.24 1.95
C PHE B 117 -2.27 -2.22 2.27
N ALA B 118 -1.56 -1.14 1.92
CA ALA B 118 -0.14 -1.03 2.23
C ALA B 118 0.11 -1.24 3.72
N PHE B 119 -0.68 -0.55 4.57
CA PHE B 119 -0.51 -0.63 6.01
C PHE B 119 -0.86 -2.02 6.53
N SER B 120 -1.91 -2.62 6.00
CA SER B 120 -2.25 -3.99 6.36
C SER B 120 -1.09 -4.94 6.03
N GLU B 121 -0.44 -4.77 4.88
CA GLU B 121 0.63 -5.70 4.51
C GLU B 121 1.88 -5.44 5.35
N ALA B 122 2.19 -4.18 5.61
CA ALA B 122 3.45 -3.88 6.30
C ALA B 122 3.35 -4.04 7.80
N ILE B 123 2.21 -3.73 8.40
CA ILE B 123 2.09 -3.63 9.86
C ILE B 123 1.28 -4.77 10.45
N VAL B 124 0.04 -4.96 9.97
CA VAL B 124 -0.92 -5.78 10.69
C VAL B 124 -0.43 -7.22 10.82
N ARG B 125 0.06 -7.79 9.71
CA ARG B 125 0.51 -9.18 9.75
C ARG B 125 1.79 -9.32 10.57
N ALA B 126 2.63 -8.29 10.62
CA ALA B 126 3.82 -8.37 11.46
C ALA B 126 3.48 -8.29 12.95
N LEU B 127 2.48 -7.49 13.33
CA LEU B 127 2.20 -7.35 14.75
C LEU B 127 1.65 -8.62 15.36
N ALA B 128 0.97 -9.44 14.54
CA ALA B 128 0.13 -10.53 15.04
C ALA B 128 0.89 -11.54 15.91
N PRO B 129 2.04 -12.10 15.51
CA PRO B 129 2.66 -13.11 16.35
C PRO B 129 3.02 -12.62 17.74
N ILE B 130 3.21 -11.33 17.93
CA ILE B 130 3.45 -10.84 19.28
C ILE B 130 2.17 -10.36 19.93
N MET B 131 1.37 -9.63 19.16
CA MET B 131 0.26 -8.90 19.73
C MET B 131 -0.95 -9.81 20.00
N LEU B 132 -1.29 -10.74 19.12
CA LEU B 132 -2.46 -11.59 19.40
C LEU B 132 -2.30 -12.41 20.66
N PRO B 133 -1.18 -13.14 20.90
CA PRO B 133 -1.06 -13.82 22.20
C PRO B 133 -1.23 -12.88 23.37
N ALA B 134 -0.71 -11.65 23.23
CA ALA B 134 -0.77 -10.69 24.32
C ALA B 134 -2.20 -10.19 24.52
N THR B 135 -2.95 -9.94 23.45
CA THR B 135 -4.30 -9.48 23.73
C THR B 135 -5.17 -10.60 24.27
N ASN B 136 -4.85 -11.86 23.97
CA ASN B 136 -5.60 -12.95 24.56
C ASN B 136 -5.48 -12.94 26.08
N ALA B 137 -4.32 -12.54 26.59
CA ALA B 137 -4.06 -12.67 28.01
C ALA B 137 -4.79 -11.60 28.81
N GLN B 138 -5.29 -10.55 28.17
CA GLN B 138 -6.02 -9.52 28.89
C GLN B 138 -7.51 -9.51 28.56
N LEU B 139 -7.99 -10.48 27.77
CA LEU B 139 -9.42 -10.58 27.48
C LEU B 139 -10.18 -11.16 28.67
N ASN B 140 -11.47 -10.82 28.74
CA ASN B 140 -12.34 -11.52 29.68
C ASN B 140 -12.39 -13.02 29.32
N PRO B 141 -12.58 -13.90 30.31
CA PRO B 141 -12.54 -15.34 30.03
C PRO B 141 -13.40 -15.80 28.86
N ARG B 142 -14.62 -15.29 28.75
CA ARG B 142 -15.48 -15.76 27.66
C ARG B 142 -14.93 -15.33 26.30
N SER B 143 -14.37 -14.12 26.22
CA SER B 143 -13.69 -13.75 24.98
C SER B 143 -12.41 -14.54 24.79
N GLU B 144 -11.71 -14.87 25.88
CA GLU B 144 -10.43 -15.58 25.73
C GLU B 144 -10.64 -16.98 25.18
N GLU B 145 -11.65 -17.70 25.66
CA GLU B 145 -11.92 -19.02 25.08
C GLU B 145 -12.19 -18.92 23.59
N PHE B 146 -13.03 -17.96 23.20
CA PHE B 146 -13.32 -17.78 21.78
C PHE B 146 -12.10 -17.30 20.99
N PHE B 147 -11.34 -16.35 21.55
CA PHE B 147 -10.19 -15.78 20.83
C PHE B 147 -9.07 -16.80 20.67
N ARG B 148 -8.74 -17.51 21.74
CA ARG B 148 -7.66 -18.48 21.66
C ARG B 148 -8.00 -19.59 20.68
N ARG B 149 -9.23 -20.11 20.74
CA ARG B 149 -9.65 -21.18 19.84
C ARG B 149 -9.53 -20.77 18.38
N THR B 150 -10.17 -19.66 18.02
CA THR B 150 -10.22 -19.27 16.61
C THR B 150 -8.84 -18.87 16.09
N ARG B 151 -8.08 -18.13 16.89
CA ARG B 151 -6.77 -17.68 16.43
C ARG B 151 -5.78 -18.85 16.37
N GLU B 152 -5.78 -19.73 17.38
CA GLU B 152 -4.92 -20.90 17.30
C GLU B 152 -5.28 -21.75 16.09
N GLU B 153 -6.57 -21.86 15.79
CA GLU B 153 -6.94 -22.62 14.61
C GLU B 153 -6.41 -21.95 13.36
N SER B 154 -6.55 -20.62 13.28
CA SER B 154 -6.12 -19.90 12.09
C SER B 154 -4.62 -19.99 11.88
N ALA B 155 -3.86 -20.32 12.92
CA ALA B 155 -2.43 -20.49 12.78
C ALA B 155 -2.06 -21.95 12.56
N GLY B 156 -3.00 -22.75 12.04
CA GLY B 156 -2.75 -24.16 11.82
C GLY B 156 -2.55 -24.98 13.07
N GLY B 157 -3.09 -24.54 14.20
CA GLY B 157 -3.06 -25.31 15.44
C GLY B 157 -1.98 -24.94 16.42
N VAL B 158 -1.13 -23.95 16.11
CA VAL B 158 -0.02 -23.61 16.99
C VAL B 158 -0.55 -22.90 18.23
N LYS B 159 -0.14 -23.36 19.40
CA LYS B 159 -0.55 -22.72 20.64
C LYS B 159 -0.01 -21.29 20.70
N LEU B 160 -0.80 -20.40 21.31
CA LEU B 160 -0.39 -19.01 21.50
C LEU B 160 0.97 -18.91 22.17
N GLU B 161 1.20 -19.73 23.22
CA GLU B 161 2.45 -19.71 23.96
C GLU B 161 3.67 -19.99 23.09
N ASP B 162 3.47 -20.52 21.88
CA ASP B 162 4.56 -20.94 21.01
C ASP B 162 4.73 -20.03 19.80
N TRP B 163 3.86 -19.02 19.65
CA TRP B 163 3.99 -18.10 18.51
C TRP B 163 5.31 -17.35 18.55
N ALA B 164 5.67 -16.82 19.70
CA ALA B 164 6.88 -15.99 19.81
C ALA B 164 7.30 -15.86 21.28
N PRO B 165 7.72 -16.96 21.92
CA PRO B 165 7.93 -16.91 23.37
C PRO B 165 9.05 -15.96 23.73
N PRO B 166 9.00 -15.33 24.89
CA PRO B 166 9.93 -14.24 25.19
C PRO B 166 11.37 -14.71 25.17
N GLY B 167 12.26 -13.80 24.80
CA GLY B 167 13.66 -14.13 24.71
C GLY B 167 13.97 -15.20 23.70
N SER B 168 12.99 -15.62 22.91
CA SER B 168 13.27 -16.62 21.90
C SER B 168 13.68 -15.95 20.60
N GLU B 169 14.24 -16.76 19.70
CA GLU B 169 14.60 -16.27 18.38
C GLU B 169 13.37 -15.94 17.55
N LYS B 170 12.30 -16.74 17.70
CA LYS B 170 11.05 -16.43 17.03
C LYS B 170 10.60 -15.01 17.35
N ARG B 171 10.60 -14.65 18.63
CA ARG B 171 10.13 -13.33 19.04
C ARG B 171 11.03 -12.22 18.50
N ALA B 172 12.34 -12.44 18.52
CA ALA B 172 13.27 -11.46 17.99
C ALA B 172 13.05 -11.21 16.50
N LYS B 173 12.77 -12.26 15.72
CA LYS B 173 12.50 -12.05 14.30
C LYS B 173 11.17 -11.38 14.06
N ALA B 174 10.15 -11.69 14.86
CA ALA B 174 8.89 -10.94 14.76
C ALA B 174 9.11 -9.45 15.00
N TRP B 175 9.84 -9.11 16.08
CA TRP B 175 10.13 -7.70 16.35
C TRP B 175 10.88 -7.07 15.19
N GLU B 176 11.86 -7.79 14.65
CA GLU B 176 12.62 -7.27 13.52
C GLU B 176 11.69 -6.95 12.35
N LYS B 177 10.71 -7.82 12.09
CA LYS B 177 9.80 -7.60 10.98
C LYS B 177 8.84 -6.43 11.26
N ILE B 178 8.44 -6.25 12.52
CA ILE B 178 7.61 -5.11 12.91
C ILE B 178 8.38 -3.81 12.75
N ARG B 179 9.63 -3.76 13.22
CA ARG B 179 10.41 -2.53 13.08
C ARG B 179 10.58 -2.19 11.61
N ALA B 180 10.77 -3.20 10.76
CA ALA B 180 10.99 -2.92 9.36
C ALA B 180 9.72 -2.38 8.70
N GLY B 181 8.55 -2.83 9.14
CA GLY B 181 7.32 -2.26 8.63
C GLY B 181 7.18 -0.79 8.95
N PHE B 182 7.29 -0.43 10.23
CA PHE B 182 7.20 0.97 10.60
C PHE B 182 8.30 1.78 9.93
N GLY B 183 9.45 1.17 9.67
CA GLY B 183 10.51 1.84 8.94
C GLY B 183 10.05 2.32 7.57
N GLN B 184 9.21 1.52 6.89
CA GLN B 184 8.69 1.96 5.61
C GLN B 184 7.73 3.14 5.75
N ILE B 185 6.87 3.10 6.77
CA ILE B 185 5.96 4.22 6.98
C ILE B 185 6.77 5.50 7.21
N ALA B 186 7.78 5.43 8.07
CA ALA B 186 8.70 6.54 8.24
C ALA B 186 9.22 7.03 6.90
N LYS B 187 9.63 6.11 6.02
CA LYS B 187 10.09 6.51 4.69
C LYS B 187 8.98 7.19 3.90
N TRP B 188 7.79 6.57 3.85
CA TRP B 188 6.66 7.23 3.18
C TRP B 188 6.44 8.64 3.69
N LEU B 189 6.55 8.83 5.00
CA LEU B 189 6.26 10.14 5.60
C LEU B 189 7.35 11.15 5.35
N SER B 190 8.46 10.72 4.74
CA SER B 190 9.61 11.58 4.46
C SER B 190 10.08 11.41 3.03
N ALA B 191 9.21 10.89 2.15
CA ALA B 191 9.63 10.51 0.81
C ALA B 191 10.05 11.69 -0.05
N ASP B 192 9.69 12.92 0.34
CA ASP B 192 9.99 14.12 -0.44
C ASP B 192 10.92 15.09 0.28
N GLY B 193 11.64 14.64 1.31
CA GLY B 193 12.53 15.51 2.05
C GLY B 193 11.92 16.17 3.27
N ASN B 194 10.60 16.27 3.34
CA ASN B 194 9.90 16.82 4.48
C ASN B 194 9.48 15.67 5.40
N ASP B 195 10.13 15.55 6.57
CA ASP B 195 9.79 14.49 7.53
C ASP B 195 8.51 14.88 8.25
N LYS B 196 7.38 14.30 7.83
CA LYS B 196 6.11 14.62 8.45
C LYS B 196 5.77 13.66 9.56
N LEU B 197 4.86 14.11 10.43
CA LEU B 197 4.12 13.25 11.34
C LEU B 197 2.74 12.90 10.82
N LEU B 198 2.22 13.70 9.88
CA LEU B 198 0.88 13.52 9.32
C LEU B 198 0.98 13.39 7.81
N PHE B 199 0.20 12.47 7.26
CA PHE B 199 0.34 12.10 5.86
C PHE B 199 0.07 13.28 4.93
N LEU B 200 -0.93 14.10 5.24
CA LEU B 200 -1.28 15.28 4.44
C LEU B 200 -0.40 16.50 4.74
N GLY B 201 0.63 16.36 5.56
CA GLY B 201 1.39 17.52 5.96
C GLY B 201 0.96 18.11 7.29
N ASP B 202 -0.03 19.01 7.26
CA ASP B 202 -0.42 19.79 8.44
C ASP B 202 -1.71 19.30 9.07
N LYS B 203 -2.61 18.72 8.27
CA LYS B 203 -3.94 18.37 8.73
C LYS B 203 -4.06 16.86 8.96
N VAL B 204 -4.91 16.51 9.94
CA VAL B 204 -5.09 15.11 10.31
C VAL B 204 -5.90 14.41 9.22
N SER B 205 -5.49 13.18 8.90
CA SER B 205 -6.22 12.35 7.95
C SER B 205 -6.50 11.01 8.60
N TYR B 206 -7.35 10.22 7.94
CA TYR B 206 -7.67 8.91 8.46
C TYR B 206 -6.43 8.00 8.46
N ALA B 207 -5.49 8.23 7.54
CA ALA B 207 -4.27 7.44 7.55
C ALA B 207 -3.51 7.60 8.87
N ASP B 208 -3.37 8.84 9.37
CA ASP B 208 -2.74 9.04 10.67
C ASP B 208 -3.51 8.31 11.77
N ILE B 209 -4.84 8.31 11.68
CA ILE B 209 -5.66 7.68 12.70
C ILE B 209 -5.46 6.18 12.68
N THR B 210 -5.29 5.61 11.49
CA THR B 210 -5.00 4.20 11.34
C THR B 210 -3.76 3.84 12.13
N ILE B 211 -2.69 4.63 11.97
CA ILE B 211 -1.43 4.31 12.61
C ILE B 211 -1.58 4.35 14.12
N VAL B 212 -2.09 5.46 14.66
CA VAL B 212 -2.15 5.54 16.13
C VAL B 212 -3.15 4.53 16.68
N GLY B 213 -4.19 4.18 15.90
CA GLY B 213 -5.09 3.12 16.34
C GLY B 213 -4.34 1.83 16.60
N TRP B 214 -3.51 1.42 15.64
CA TRP B 214 -2.77 0.18 15.83
C TRP B 214 -1.65 0.34 16.84
N VAL B 215 -1.04 1.53 16.90
CA VAL B 215 0.08 1.76 17.80
C VAL B 215 -0.37 1.78 19.25
N ILE B 216 -1.52 2.39 19.53
CA ILE B 216 -1.99 2.49 20.91
C ILE B 216 -2.36 1.11 21.43
N TRP B 217 -2.73 0.20 20.53
CA TRP B 217 -2.96 -1.19 20.88
C TRP B 217 -1.69 -1.81 21.45
N VAL B 218 -0.59 -1.68 20.71
CA VAL B 218 0.68 -2.17 21.21
C VAL B 218 1.01 -1.56 22.55
N LYS B 219 0.81 -0.25 22.69
CA LYS B 219 1.17 0.44 23.92
C LYS B 219 0.37 -0.09 25.11
N ARG B 220 -0.95 -0.15 24.96
CA ARG B 220 -1.81 -0.48 26.08
C ARG B 220 -1.79 -1.97 26.43
N VAL B 221 -1.63 -2.84 25.44
CA VAL B 221 -1.64 -4.27 25.72
C VAL B 221 -0.25 -4.77 26.11
N LEU B 222 0.80 -4.34 25.42
CA LEU B 222 2.13 -4.71 25.89
C LEU B 222 2.47 -3.97 27.20
N GLY B 223 1.93 -2.77 27.41
CA GLY B 223 2.11 -2.04 28.65
C GLY B 223 3.06 -0.86 28.49
N PRO B 224 2.63 0.33 28.91
CA PRO B 224 3.49 1.52 28.78
C PRO B 224 4.85 1.38 29.45
N ASP B 225 4.94 0.59 30.52
CA ASP B 225 6.18 0.44 31.28
C ASP B 225 6.93 -0.81 30.90
N SER B 226 6.53 -1.49 29.84
CA SER B 226 7.20 -2.70 29.43
C SER B 226 8.48 -2.37 28.66
N ALA B 227 9.44 -3.28 28.78
CA ALA B 227 10.68 -3.15 28.02
C ALA B 227 10.40 -2.94 26.54
N GLU B 228 9.55 -3.79 25.97
CA GLU B 228 9.35 -3.73 24.53
C GLU B 228 8.66 -2.43 24.11
N TRP B 229 7.76 -1.89 24.92
CA TRP B 229 7.15 -0.62 24.53
C TRP B 229 8.13 0.54 24.65
N LYS B 230 8.92 0.56 25.73
CA LYS B 230 9.90 1.62 25.86
C LYS B 230 10.92 1.57 24.74
N ASP B 231 11.21 0.37 24.21
CA ASP B 231 12.07 0.31 23.03
C ASP B 231 11.35 0.84 21.79
N PHE B 232 10.03 0.64 21.72
CA PHE B 232 9.26 1.10 20.56
C PHE B 232 9.30 2.62 20.45
N GLU B 233 9.19 3.32 21.57
CA GLU B 233 9.14 4.76 21.44
C GLU B 233 10.46 5.36 20.98
N THR B 234 11.56 4.61 21.01
CA THR B 234 12.83 5.09 20.45
C THR B 234 12.98 4.84 18.95
N TRP B 235 12.05 4.10 18.34
CA TRP B 235 12.16 3.83 16.91
C TRP B 235 12.00 5.10 16.11
N ASP B 236 12.79 5.18 15.03
CA ASP B 236 12.73 6.26 14.05
C ASP B 236 12.63 7.61 14.75
N ASP B 237 13.71 7.91 15.50
CA ASP B 237 13.79 9.00 16.45
C ASP B 237 12.44 9.37 17.03
N GLY B 238 11.77 8.39 17.64
CA GLY B 238 10.57 8.67 18.40
C GLY B 238 9.35 9.03 17.59
N LYS B 239 9.40 8.89 16.27
CA LYS B 239 8.28 9.34 15.45
C LYS B 239 6.94 8.77 15.93
N TRP B 240 6.89 7.48 16.27
CA TRP B 240 5.59 6.92 16.61
C TRP B 240 5.12 7.41 17.96
N ALA B 241 6.04 7.51 18.93
CA ALA B 241 5.70 8.15 20.20
C ALA B 241 5.18 9.56 20.01
N LYS B 242 5.76 10.29 19.06
CA LYS B 242 5.36 11.67 18.82
C LYS B 242 3.95 11.76 18.26
N GLN B 243 3.59 10.87 17.34
CA GLN B 243 2.21 10.85 16.84
C GLN B 243 1.24 10.51 17.95
N LEU B 244 1.55 9.47 18.73
CA LEU B 244 0.77 9.19 19.93
C LEU B 244 0.57 10.47 20.73
N ALA B 245 1.67 11.19 20.99
CA ALA B 245 1.57 12.47 21.72
C ALA B 245 0.58 13.42 21.05
N LEU B 246 0.71 13.60 19.73
CA LEU B 246 -0.18 14.51 18.99
C LEU B 246 -1.64 14.15 19.12
N PHE B 247 -1.95 12.86 19.35
CA PHE B 247 -3.32 12.35 19.42
C PHE B 247 -3.77 12.09 20.85
N GLU B 248 -2.91 12.42 21.83
CA GLU B 248 -3.19 12.10 23.22
C GLU B 248 -4.52 12.71 23.67
N LYS B 249 -4.84 13.92 23.20
CA LYS B 249 -6.08 14.57 23.60
C LYS B 249 -7.31 13.88 23.02
N TYR B 250 -7.14 12.94 22.10
CA TYR B 250 -8.25 12.13 21.63
C TYR B 250 -8.14 10.68 22.05
N GLU B 251 -7.15 10.35 22.87
CA GLU B 251 -6.97 9.01 23.41
C GLU B 251 -7.78 8.91 24.71
N VAL B 252 -9.11 8.97 24.58
CA VAL B 252 -9.97 9.00 25.75
C VAL B 252 -11.26 8.21 25.50
N VAL B 253 -11.66 7.44 26.52
CA VAL B 253 -12.92 6.73 26.58
C VAL B 253 -13.87 7.56 27.43
N PRO B 254 -14.80 8.29 26.84
CA PRO B 254 -15.61 9.26 27.61
C PRO B 254 -16.36 8.70 28.80
N ASP B 255 -16.14 7.43 29.14
CA ASP B 255 -16.82 6.79 30.26
C ASP B 255 -18.34 6.88 30.05
N ALA B 256 -18.79 6.14 29.02
CA ALA B 256 -20.17 6.20 28.52
C ALA B 256 -21.22 5.91 29.59
C1 EDO C . 22.69 -4.32 -11.85
O1 EDO C . 22.52 -3.24 -12.79
C2 EDO C . 23.97 -4.09 -11.04
O2 EDO C . 24.05 -2.71 -10.65
C1 EDO D . 13.33 2.31 -10.81
O1 EDO D . 13.53 0.88 -10.83
C2 EDO D . 11.92 2.62 -10.32
O2 EDO D . 11.04 2.61 -11.45
C1 EDO E . 8.55 -17.96 -10.92
O1 EDO E . 7.45 -18.54 -10.21
C2 EDO E . 9.82 -18.17 -10.10
O2 EDO E . 10.01 -19.58 -9.91
C1 EDO F . 6.72 -18.30 -19.07
O1 EDO F . 7.11 -19.53 -18.43
C2 EDO F . 6.26 -18.58 -20.51
O2 EDO F . 7.32 -19.12 -21.29
C1 EDO G . 12.65 -5.84 -14.75
O1 EDO G . 13.95 -5.19 -14.74
C2 EDO G . 11.50 -4.84 -14.53
O2 EDO G . 10.30 -5.61 -14.45
C1 EDO H . -17.91 -14.45 13.45
O1 EDO H . -18.69 -13.73 12.48
C2 EDO H . -16.94 -13.49 14.13
O2 EDO H . -17.69 -12.37 14.60
C1 EDO I . 4.41 18.97 2.38
O1 EDO I . 3.23 19.29 3.12
C2 EDO I . 4.18 17.61 1.73
O2 EDO I . 5.42 16.91 1.62
C1 EDO J . 1.93 -18.14 14.06
O1 EDO J . 3.01 -17.21 14.17
C2 EDO J . 2.54 -19.49 13.70
O2 EDO J . 3.93 -19.50 14.05
C1 EDO K . 8.58 0.41 0.35
O1 EDO K . 8.30 1.08 1.59
C2 EDO K . 8.09 1.21 -0.85
O2 EDO K . 7.93 0.39 -2.02
C1 EDO L . -6.91 -7.68 17.38
O1 EDO L . -7.79 -8.80 17.46
C2 EDO L . -6.35 -7.62 15.97
O2 EDO L . -7.43 -7.61 15.01
C1 EDO M . -1.10 -14.37 12.27
O1 EDO M . -2.45 -14.33 11.76
C2 EDO M . -0.86 -15.68 12.98
O2 EDO M . -1.18 -16.72 12.04
C1 EDO N . 7.75 -22.37 18.32
O1 EDO N . 7.48 -23.52 17.50
C2 EDO N . 7.96 -22.79 19.78
O2 EDO N . 8.24 -21.64 20.56
C1 EDO O . -12.29 -6.74 15.53
O1 EDO O . -13.53 -7.45 15.47
C2 EDO O . -12.24 -5.96 16.84
O2 EDO O . -11.01 -6.20 17.54
C1 EDO P . 3.75 -15.39 24.32
O1 EDO P . 4.87 -15.67 25.18
C2 EDO P . 3.76 -16.47 23.25
O2 EDO P . 4.23 -15.94 22.00
#